data_6STM
#
_entry.id   6STM
#
_cell.length_a   127.040
_cell.length_b   127.040
_cell.length_c   46.490
_cell.angle_alpha   90.000
_cell.angle_beta   90.000
_cell.angle_gamma   120.000
#
_symmetry.space_group_name_H-M   'P 65'
#
loop_
_entity.id
_entity.type
_entity.pdbx_description
1 polymer 'Arundo donax Lectin (ADL)'
2 non-polymer GLYCEROL
3 water water
#
_entity_poly.entity_id   1
_entity_poly.type   'polypeptide(L)'
_entity_poly.pdbx_seq_one_letter_code
;AYECGKQGGGALCPNNKCCSRYGYCGFGPAYCGTGCQSGGCCPGKRCGDQANGETCPNNLCCSEDGYCGFGSEYCGAGCQ
GGPCRADKLCGTLAGGQLCPDNLCCSQWGFCGLGVEFCGDGCQSGACCSMRCGRQADGAKCTNNYCCGASGYCGLGGDYC
GAGCQSGPCT
;
_entity_poly.pdbx_strand_id   A,B
#
loop_
_chem_comp.id
_chem_comp.type
_chem_comp.name
_chem_comp.formula
GOL non-polymer GLYCEROL 'C3 H8 O3'
#
# COMPACT_ATOMS: atom_id res chain seq x y z
N ALA A 1 14.23 9.35 -14.10
CA ALA A 1 14.96 8.47 -13.14
C ALA A 1 14.14 8.23 -11.87
N TYR A 2 13.42 9.27 -11.43
CA TYR A 2 12.71 9.21 -10.14
C TYR A 2 11.73 8.06 -10.11
N GLU A 3 11.46 7.55 -8.91
CA GLU A 3 10.70 6.32 -8.79
C GLU A 3 9.39 6.57 -8.06
N CYS A 4 9.36 7.61 -7.23
CA CYS A 4 8.30 7.73 -6.23
C CYS A 4 8.12 9.15 -5.71
N GLY A 5 7.00 9.36 -5.02
CA GLY A 5 6.76 10.60 -4.30
C GLY A 5 6.44 11.76 -5.23
N LYS A 6 6.70 12.97 -4.75
CA LYS A 6 6.35 14.18 -5.47
C LYS A 6 7.08 14.23 -6.81
N GLN A 7 8.30 13.72 -6.83
CA GLN A 7 9.14 13.75 -8.02
C GLN A 7 8.73 12.70 -9.03
N GLY A 8 8.08 11.63 -8.57
CA GLY A 8 7.68 10.52 -9.42
C GLY A 8 6.17 10.42 -9.56
N GLY A 9 5.50 11.57 -9.58
CA GLY A 9 4.09 11.62 -9.91
C GLY A 9 3.22 10.93 -8.88
N GLY A 10 3.71 10.85 -7.64
CA GLY A 10 2.92 10.35 -6.53
C GLY A 10 2.91 8.83 -6.45
N ALA A 11 3.78 8.19 -7.22
CA ALA A 11 3.91 6.74 -7.15
C ALA A 11 4.39 6.30 -5.77
N LEU A 12 4.04 5.06 -5.42
CA LEU A 12 4.52 4.42 -4.21
C LEU A 12 5.52 3.32 -4.56
N CYS A 13 6.42 3.06 -3.63
CA CYS A 13 7.35 1.94 -3.75
C CYS A 13 6.62 0.67 -3.38
N PRO A 14 7.10 -0.46 -3.91
CA PRO A 14 6.55 -1.76 -3.57
C PRO A 14 7.11 -2.32 -2.28
N ASN A 15 6.32 -3.16 -1.60
CA ASN A 15 6.78 -3.93 -0.45
C ASN A 15 7.27 -3.01 0.69
N ASN A 16 6.59 -1.89 0.86
CA ASN A 16 6.80 -0.96 1.98
C ASN A 16 8.16 -0.26 1.92
N LYS A 17 8.80 -0.28 0.76
CA LYS A 17 10.02 0.51 0.60
C LYS A 17 9.70 1.98 0.79
N CYS A 18 10.58 2.64 1.54
CA CYS A 18 10.43 4.05 1.80
C CYS A 18 10.80 4.85 0.57
N CYS A 19 10.01 5.89 0.32
CA CYS A 19 10.36 6.90 -0.66
C CYS A 19 11.15 8.04 -0.01
N SER A 20 12.40 8.18 -0.41
CA SER A 20 13.28 9.18 0.17
C SER A 20 12.76 10.56 -0.18
N ARG A 21 13.30 11.56 0.50
CA ARG A 21 12.99 12.95 0.20
C ARG A 21 13.30 13.33 -1.24
N TYR A 22 14.13 12.54 -1.92
CA TYR A 22 14.52 12.88 -3.30
C TYR A 22 13.74 12.11 -4.35
N GLY A 23 12.92 11.15 -3.92
CA GLY A 23 12.05 10.44 -4.85
C GLY A 23 12.61 9.10 -5.33
N TYR A 24 13.37 8.44 -4.45
CA TYR A 24 13.86 7.09 -4.75
C TYR A 24 13.45 6.11 -3.65
N CYS A 25 13.38 4.83 -4.01
CA CYS A 25 12.88 3.79 -3.13
C CYS A 25 14.04 3.07 -2.42
N GLY A 26 13.86 2.75 -1.15
CA GLY A 26 14.82 1.90 -0.45
C GLY A 26 14.47 1.79 1.03
N PHE A 27 15.40 1.24 1.81
CA PHE A 27 15.28 1.21 3.27
C PHE A 27 16.51 1.80 3.94
N GLY A 28 16.38 2.10 5.23
CA GLY A 28 17.46 2.69 5.99
C GLY A 28 17.24 4.17 6.18
N PRO A 29 18.10 4.81 6.98
CA PRO A 29 17.85 6.18 7.41
C PRO A 29 17.71 7.15 6.23
N ALA A 30 18.44 6.93 5.14
CA ALA A 30 18.38 7.86 4.01
C ALA A 30 17.00 7.89 3.34
N TYR A 31 16.28 6.78 3.41
CA TYR A 31 14.97 6.68 2.75
C TYR A 31 13.82 6.84 3.75
N CYS A 32 13.95 6.20 4.90
CA CYS A 32 12.83 6.10 5.85
C CYS A 32 12.85 7.20 6.89
N GLY A 33 13.97 7.92 6.99
CA GLY A 33 14.15 8.94 8.01
C GLY A 33 13.62 10.30 7.57
N THR A 34 14.37 11.35 7.92
CA THR A 34 13.93 12.72 7.64
C THR A 34 13.52 12.83 6.16
N GLY A 35 12.32 13.35 5.91
CA GLY A 35 11.85 13.64 4.56
C GLY A 35 11.17 12.47 3.85
N CYS A 36 11.07 11.33 4.53
CA CYS A 36 10.41 10.15 3.98
C CYS A 36 8.98 10.46 3.55
N GLN A 37 8.64 10.13 2.30
CA GLN A 37 7.36 10.54 1.72
C GLN A 37 6.29 9.46 1.85
N SER A 38 6.70 8.21 1.98
CA SER A 38 5.77 7.09 1.92
C SER A 38 6.53 5.82 2.22
N GLY A 39 5.77 4.74 2.38
CA GLY A 39 6.36 3.47 2.77
C GLY A 39 6.55 3.39 4.28
N GLY A 40 7.40 2.47 4.71
CA GLY A 40 7.66 2.25 6.14
C GLY A 40 8.56 3.31 6.75
N CYS A 41 8.11 4.57 6.74
CA CYS A 41 8.90 5.66 7.32
C CYS A 41 9.13 5.42 8.82
N CYS A 42 10.32 5.78 9.29
CA CYS A 42 10.61 5.74 10.72
C CYS A 42 11.18 7.06 11.18
N PRO A 43 10.45 7.79 12.04
CA PRO A 43 9.13 7.39 12.52
C PRO A 43 8.08 7.45 11.43
N GLY A 44 6.94 6.81 11.68
CA GLY A 44 5.84 6.84 10.73
C GLY A 44 5.43 8.26 10.39
N LYS A 45 4.95 8.45 9.16
CA LYS A 45 4.41 9.73 8.75
C LYS A 45 3.29 10.13 9.69
N ARG A 46 3.09 11.44 9.84
CA ARG A 46 1.97 11.93 10.63
C ARG A 46 0.69 11.82 9.80
N CYS A 47 -0.41 11.55 10.49
CA CYS A 47 -1.64 11.21 9.82
C CYS A 47 -2.84 11.62 10.67
N GLY A 48 -4.02 11.63 10.06
CA GLY A 48 -5.25 11.77 10.82
C GLY A 48 -5.38 13.17 11.39
N ASP A 49 -5.81 13.25 12.65
CA ASP A 49 -6.06 14.53 13.27
C ASP A 49 -4.77 15.33 13.43
N GLN A 50 -3.65 14.61 13.38
CA GLN A 50 -2.34 15.21 13.59
C GLN A 50 -1.69 15.63 12.27
N ALA A 51 -2.45 15.53 11.17
CA ALA A 51 -1.99 16.05 9.88
C ALA A 51 -3.16 16.41 8.96
N ASN A 52 -4.09 17.22 9.45
CA ASN A 52 -5.15 17.78 8.62
C ASN A 52 -5.95 16.70 7.89
N GLY A 53 -6.00 15.51 8.48
CA GLY A 53 -6.85 14.44 7.95
C GLY A 53 -6.19 13.59 6.88
N GLU A 54 -4.91 13.80 6.61
CA GLU A 54 -4.16 12.91 5.69
C GLU A 54 -4.15 11.48 6.18
N THR A 55 -4.44 10.57 5.25
CA THR A 55 -4.38 9.16 5.51
C THR A 55 -2.93 8.74 5.33
N CYS A 56 -2.62 7.52 5.76
CA CYS A 56 -1.30 6.97 5.59
C CYS A 56 -1.15 6.44 4.17
N PRO A 57 0.01 6.67 3.54
CA PRO A 57 0.29 6.05 2.25
C PRO A 57 0.47 4.57 2.42
N ASN A 58 0.37 3.85 1.30
CA ASN A 58 0.57 2.40 1.30
C ASN A 58 -0.39 1.62 2.20
N ASN A 59 -1.55 2.20 2.49
CA ASN A 59 -2.53 1.54 3.36
C ASN A 59 -1.98 1.19 4.74
N LEU A 60 -1.09 2.01 5.26
CA LEU A 60 -0.68 1.85 6.66
C LEU A 60 -1.80 2.27 7.59
N CYS A 61 -1.74 1.83 8.84
CA CYS A 61 -2.70 2.27 9.86
C CYS A 61 -2.27 3.56 10.54
N CYS A 62 -3.22 4.45 10.77
CA CYS A 62 -2.95 5.66 11.50
C CYS A 62 -3.25 5.44 12.98
N SER A 63 -2.22 5.49 13.80
CA SER A 63 -2.36 5.22 15.23
C SER A 63 -3.23 6.26 15.94
N GLU A 64 -3.61 5.98 17.18
CA GLU A 64 -4.35 6.92 18.00
C GLU A 64 -3.56 8.23 18.13
N ASP A 65 -2.24 8.11 18.15
CA ASP A 65 -1.35 9.26 18.31
C ASP A 65 -0.97 9.90 16.96
N GLY A 66 -1.52 9.38 15.87
CA GLY A 66 -1.36 10.01 14.56
C GLY A 66 0.00 9.74 13.93
N TYR A 67 0.46 8.50 14.04
CA TYR A 67 1.61 8.02 13.28
C TYR A 67 1.19 6.83 12.44
N CYS A 68 1.84 6.67 11.29
CA CYS A 68 1.57 5.57 10.38
C CYS A 68 2.42 4.34 10.70
N GLY A 69 1.78 3.18 10.80
CA GLY A 69 2.51 1.93 10.95
C GLY A 69 1.58 0.72 10.90
N PHE A 70 2.12 -0.42 11.30
CA PHE A 70 1.35 -1.66 11.35
C PHE A 70 1.56 -2.31 12.72
N GLY A 71 0.66 -3.22 13.07
CA GLY A 71 0.67 -3.84 14.38
C GLY A 71 -0.39 -3.29 15.31
N SER A 72 -0.52 -3.91 16.49
CA SER A 72 -1.66 -3.62 17.36
C SER A 72 -1.66 -2.17 17.83
N GLU A 73 -0.46 -1.60 17.96
CA GLU A 73 -0.33 -0.21 18.41
C GLU A 73 -0.86 0.78 17.38
N TYR A 74 -0.95 0.35 16.12
CA TYR A 74 -1.33 1.20 15.01
C TYR A 74 -2.73 0.84 14.48
N CYS A 75 -2.98 -0.44 14.27
CA CYS A 75 -4.25 -0.89 13.68
C CYS A 75 -5.32 -1.22 14.73
N GLY A 76 -4.90 -1.42 15.98
CA GLY A 76 -5.83 -1.84 17.02
C GLY A 76 -6.55 -0.67 17.67
N ALA A 77 -6.58 -0.65 19.00
CA ALA A 77 -7.37 0.32 19.73
C ALA A 77 -6.92 1.73 19.39
N GLY A 78 -7.88 2.57 19.01
CA GLY A 78 -7.60 3.98 18.73
C GLY A 78 -7.14 4.26 17.31
N CYS A 79 -7.04 3.20 16.50
CA CYS A 79 -6.74 3.36 15.09
C CYS A 79 -7.72 4.33 14.42
N GLN A 80 -7.20 5.28 13.66
CA GLN A 80 -8.06 6.28 13.07
C GLN A 80 -7.99 6.33 11.56
N GLY A 81 -7.28 5.39 10.95
CA GLY A 81 -7.28 5.26 9.50
C GLY A 81 -6.57 4.02 9.02
N GLY A 82 -6.71 3.77 7.72
CA GLY A 82 -6.17 2.57 7.12
C GLY A 82 -6.91 1.33 7.59
N PRO A 83 -6.26 0.17 7.45
CA PRO A 83 -6.90 -1.11 7.72
C PRO A 83 -6.96 -1.38 9.22
N CYS A 84 -7.72 -0.55 9.93
CA CYS A 84 -7.95 -0.76 11.34
C CYS A 84 -8.63 -2.11 11.57
N ARG A 85 -8.44 -2.67 12.75
CA ARG A 85 -9.02 -3.97 13.08
C ARG A 85 -10.52 -3.89 13.29
N ALA A 86 -11.01 -2.69 13.61
CA ALA A 86 -12.45 -2.46 13.71
C ALA A 86 -13.05 -2.36 12.30
N ASP A 87 -14.26 -2.87 12.13
CA ASP A 87 -14.99 -2.65 10.89
C ASP A 87 -15.19 -1.15 10.67
N LYS A 88 -15.17 -0.76 9.40
CA LYS A 88 -15.28 0.64 9.04
C LYS A 88 -16.60 0.90 8.31
N LEU A 89 -17.42 1.78 8.87
CA LEU A 89 -18.79 1.98 8.39
C LEU A 89 -18.79 3.08 7.32
N CYS A 90 -19.79 3.04 6.44
CA CYS A 90 -19.88 4.00 5.34
C CYS A 90 -21.31 4.10 4.82
N GLY A 91 -21.64 5.19 4.15
CA GLY A 91 -22.98 5.38 3.60
C GLY A 91 -23.10 6.65 2.77
N GLN A 97 -20.77 9.78 4.15
CA GLN A 97 -19.45 9.30 4.56
C GLN A 97 -18.90 8.29 3.56
N LEU A 98 -18.24 8.78 2.51
CA LEU A 98 -17.48 7.92 1.61
C LEU A 98 -16.37 7.21 2.37
N CYS A 99 -15.99 6.03 1.91
CA CYS A 99 -14.79 5.38 2.40
C CYS A 99 -13.55 6.16 1.99
N PRO A 100 -12.57 6.24 2.90
CA PRO A 100 -11.29 6.85 2.56
C PRO A 100 -10.50 6.04 1.52
N ASP A 101 -9.62 6.71 0.79
CA ASP A 101 -8.66 6.06 -0.09
C ASP A 101 -9.35 5.10 -1.06
N ASN A 102 -10.49 5.54 -1.59
CA ASN A 102 -11.18 4.87 -2.68
C ASN A 102 -11.63 3.45 -2.33
N LEU A 103 -11.70 3.14 -1.04
CA LEU A 103 -12.26 1.85 -0.63
C LEU A 103 -13.74 1.76 -1.04
N CYS A 104 -14.20 0.55 -1.31
CA CYS A 104 -15.60 0.35 -1.71
C CYS A 104 -16.51 0.30 -0.49
N CYS A 105 -17.62 1.03 -0.58
CA CYS A 105 -18.70 0.90 0.39
C CYS A 105 -19.69 -0.17 -0.04
N SER A 106 -19.69 -1.28 0.68
CA SER A 106 -20.54 -2.41 0.34
C SER A 106 -22.03 -2.03 0.43
N GLN A 107 -22.86 -2.85 -0.19
CA GLN A 107 -24.32 -2.77 -0.05
C GLN A 107 -24.73 -2.59 1.41
N TRP A 108 -23.98 -3.19 2.32
CA TRP A 108 -24.38 -3.31 3.72
C TRP A 108 -23.73 -2.23 4.57
N GLY A 109 -22.96 -1.35 3.95
CA GLY A 109 -22.45 -0.17 4.63
C GLY A 109 -21.15 -0.39 5.38
N PHE A 110 -20.29 -1.25 4.83
CA PHE A 110 -18.92 -1.39 5.33
C PHE A 110 -17.90 -1.12 4.22
N CYS A 111 -16.74 -0.60 4.63
CA CYS A 111 -15.65 -0.32 3.69
C CYS A 111 -14.76 -1.54 3.50
N GLY A 112 -14.31 -1.72 2.27
CA GLY A 112 -13.32 -2.75 1.98
C GLY A 112 -12.96 -2.80 0.50
N LEU A 113 -12.24 -3.84 0.12
CA LEU A 113 -11.90 -4.06 -1.28
C LEU A 113 -12.07 -5.53 -1.57
N GLY A 114 -12.19 -5.87 -2.85
CA GLY A 114 -12.60 -7.20 -3.25
C GLY A 114 -14.08 -7.24 -3.61
N VAL A 115 -14.51 -8.34 -4.22
CA VAL A 115 -15.82 -8.39 -4.86
C VAL A 115 -16.97 -8.22 -3.85
N GLU A 116 -16.75 -8.65 -2.61
CA GLU A 116 -17.79 -8.53 -1.59
C GLU A 116 -18.15 -7.07 -1.33
N PHE A 117 -17.18 -6.19 -1.58
CA PHE A 117 -17.33 -4.78 -1.28
C PHE A 117 -17.54 -3.97 -2.57
N CYS A 118 -16.84 -4.37 -3.62
CA CYS A 118 -16.77 -3.61 -4.86
C CYS A 118 -17.69 -4.19 -5.93
N GLY A 119 -18.15 -5.42 -5.72
CA GLY A 119 -19.02 -6.10 -6.69
C GLY A 119 -20.46 -5.66 -6.62
N ASP A 120 -21.37 -6.61 -6.77
CA ASP A 120 -22.81 -6.32 -6.79
C ASP A 120 -23.22 -5.57 -5.53
N GLY A 121 -23.88 -4.42 -5.73
CA GLY A 121 -24.42 -3.66 -4.61
C GLY A 121 -23.45 -2.63 -4.06
N CYS A 122 -22.26 -2.56 -4.65
CA CYS A 122 -21.28 -1.51 -4.30
C CYS A 122 -21.92 -0.13 -4.44
N GLN A 123 -21.80 0.69 -3.40
CA GLN A 123 -22.47 2.00 -3.38
C GLN A 123 -21.54 3.10 -3.88
N SER A 124 -20.27 2.97 -3.58
CA SER A 124 -19.31 4.04 -3.82
C SER A 124 -17.89 3.52 -3.65
N GLY A 125 -16.92 4.36 -4.00
CA GLY A 125 -15.53 3.93 -4.08
C GLY A 125 -15.20 3.24 -5.39
N ALA A 126 -14.23 2.33 -5.33
CA ALA A 126 -13.70 1.68 -6.52
C ALA A 126 -14.55 0.49 -6.95
N CYS A 127 -15.83 0.75 -7.21
CA CYS A 127 -16.75 -0.30 -7.58
C CYS A 127 -16.29 -0.99 -8.87
N CYS A 128 -16.58 -2.28 -8.98
CA CYS A 128 -16.19 -3.06 -10.16
C CYS A 128 -16.85 -2.52 -11.42
N SER A 129 -18.15 -2.33 -11.37
CA SER A 129 -18.94 -2.10 -12.57
C SER A 129 -20.12 -1.19 -12.25
N MET A 130 -19.87 0.10 -12.11
CA MET A 130 -20.94 1.07 -11.87
C MET A 130 -21.28 1.82 -13.15
N ARG A 131 -22.57 1.86 -13.48
CA ARG A 131 -23.01 2.38 -14.77
C ARG A 131 -23.42 3.83 -14.64
N CYS A 132 -23.31 4.57 -15.75
CA CYS A 132 -23.45 6.02 -15.71
C CYS A 132 -23.78 6.54 -17.11
N GLY A 133 -24.20 7.80 -17.18
CA GLY A 133 -24.25 8.54 -18.44
C GLY A 133 -25.46 8.14 -19.28
N ARG A 134 -25.30 8.23 -20.59
CA ARG A 134 -26.42 8.01 -21.50
C ARG A 134 -26.74 6.52 -21.62
N GLN A 135 -25.91 5.69 -20.98
CA GLN A 135 -26.16 4.26 -20.90
C GLN A 135 -26.95 3.87 -19.66
N ALA A 136 -27.02 4.78 -18.68
CA ALA A 136 -27.68 4.48 -17.41
C ALA A 136 -28.55 5.64 -16.95
N ASP A 137 -29.21 6.30 -17.89
CA ASP A 137 -30.27 7.25 -17.57
C ASP A 137 -29.69 8.58 -17.13
N GLY A 138 -28.49 8.89 -17.61
CA GLY A 138 -27.78 10.11 -17.20
C GLY A 138 -27.36 10.07 -15.75
N ALA A 139 -27.30 8.87 -15.17
CA ALA A 139 -26.84 8.71 -13.80
C ALA A 139 -25.41 9.21 -13.64
N LYS A 140 -25.12 9.79 -12.48
CA LYS A 140 -23.80 10.33 -12.20
C LYS A 140 -22.93 9.30 -11.49
N CYS A 141 -21.61 9.46 -11.60
CA CYS A 141 -20.68 8.66 -10.81
C CYS A 141 -20.45 9.27 -9.43
N THR A 142 -20.15 8.42 -8.47
CA THR A 142 -19.71 8.85 -7.15
C THR A 142 -18.21 9.13 -7.13
N ASN A 143 -17.74 9.73 -6.04
CA ASN A 143 -16.31 9.91 -5.77
C ASN A 143 -15.66 10.86 -6.78
N ASN A 144 -16.47 11.61 -7.50
CA ASN A 144 -15.97 12.50 -8.55
C ASN A 144 -15.15 11.71 -9.58
N TYR A 145 -15.58 10.48 -9.85
CA TYR A 145 -15.01 9.71 -10.96
C TYR A 145 -15.54 10.21 -12.29
N CYS A 146 -14.92 9.77 -13.38
CA CYS A 146 -15.38 10.09 -14.73
C CYS A 146 -16.32 9.01 -15.24
N CYS A 147 -17.36 9.43 -15.94
CA CYS A 147 -18.17 8.51 -16.75
C CYS A 147 -17.54 8.29 -18.12
N GLY A 148 -17.24 7.03 -18.43
CA GLY A 148 -16.56 6.69 -19.67
C GLY A 148 -17.49 6.70 -20.87
N ALA A 149 -16.92 6.55 -22.06
CA ALA A 149 -17.69 6.58 -23.29
C ALA A 149 -18.78 5.51 -23.26
N SER A 150 -18.44 4.35 -22.72
CA SER A 150 -19.36 3.21 -22.79
C SER A 150 -20.18 3.09 -21.50
N GLY A 151 -20.19 4.14 -20.71
CA GLY A 151 -21.08 4.23 -19.54
C GLY A 151 -20.60 3.38 -18.38
N TYR A 152 -19.31 3.45 -18.08
CA TYR A 152 -18.79 2.91 -16.83
C TYR A 152 -18.05 3.99 -16.05
N CYS A 153 -18.19 3.97 -14.74
CA CYS A 153 -17.46 4.89 -13.88
C CYS A 153 -16.02 4.43 -13.69
N GLY A 154 -15.10 5.38 -13.70
CA GLY A 154 -13.73 5.09 -13.34
C GLY A 154 -12.85 6.31 -13.43
N LEU A 155 -11.55 6.09 -13.37
CA LEU A 155 -10.57 7.16 -13.53
C LEU A 155 -9.46 6.66 -14.43
N GLY A 156 -8.57 7.58 -14.80
CA GLY A 156 -7.57 7.31 -15.82
C GLY A 156 -8.07 7.69 -17.19
N GLY A 157 -7.18 7.59 -18.18
CA GLY A 157 -7.41 8.18 -19.49
C GLY A 157 -8.57 7.52 -20.22
N ASP A 158 -8.83 6.25 -19.89
CA ASP A 158 -9.88 5.49 -20.58
C ASP A 158 -11.28 5.98 -20.19
N TYR A 159 -11.37 6.69 -19.07
CA TYR A 159 -12.67 7.14 -18.57
C TYR A 159 -12.78 8.66 -18.55
N CYS A 160 -11.65 9.34 -18.35
CA CYS A 160 -11.62 10.79 -18.25
C CYS A 160 -11.19 11.43 -19.57
N GLY A 161 -10.60 10.63 -20.45
CA GLY A 161 -10.18 11.12 -21.75
C GLY A 161 -11.34 11.23 -22.72
N ALA A 162 -11.10 10.83 -23.97
CA ALA A 162 -12.04 11.10 -25.05
C ALA A 162 -13.35 10.33 -24.85
N GLY A 163 -14.47 11.02 -25.04
CA GLY A 163 -15.79 10.41 -24.91
C GLY A 163 -16.30 10.45 -23.49
N CYS A 164 -15.49 10.99 -22.58
CA CYS A 164 -15.92 11.24 -21.20
C CYS A 164 -17.21 12.06 -21.16
N GLN A 165 -18.19 11.58 -20.40
CA GLN A 165 -19.53 12.15 -20.40
C GLN A 165 -19.70 13.14 -19.24
N SER A 166 -19.17 12.79 -18.08
CA SER A 166 -19.37 13.59 -16.87
C SER A 166 -18.25 13.31 -15.86
N GLY A 167 -18.27 14.04 -14.75
CA GLY A 167 -17.13 14.08 -13.84
C GLY A 167 -16.03 15.02 -14.34
N PRO A 168 -14.83 14.89 -13.76
CA PRO A 168 -13.68 15.72 -14.12
C PRO A 168 -13.05 15.29 -15.45
N CYS A 169 -13.80 15.39 -16.54
CA CYS A 169 -13.27 15.08 -17.86
C CYS A 169 -12.10 15.99 -18.20
N THR A 170 -11.28 15.57 -19.16
CA THR A 170 -10.19 16.39 -19.67
C THR A 170 -9.67 17.34 -18.60
N ALA B 1 6.26 8.05 -18.61
CA ALA B 1 4.97 7.74 -19.29
C ALA B 1 4.19 6.67 -18.52
N TYR B 2 4.74 5.45 -18.44
CA TYR B 2 4.14 4.40 -17.61
C TYR B 2 4.19 4.82 -16.14
N GLU B 3 3.25 4.31 -15.35
CA GLU B 3 3.06 4.81 -13.98
C GLU B 3 3.30 3.72 -12.96
N CYS B 4 3.11 2.48 -13.36
CA CYS B 4 2.97 1.40 -12.39
C CYS B 4 3.22 0.04 -13.04
N GLY B 5 3.34 -0.98 -12.20
CA GLY B 5 3.42 -2.35 -12.69
C GLY B 5 4.74 -2.68 -13.36
N LYS B 6 4.75 -3.76 -14.14
CA LYS B 6 5.96 -4.20 -14.80
C LYS B 6 6.54 -3.12 -15.71
N GLN B 7 5.65 -2.36 -16.35
CA GLN B 7 6.07 -1.34 -17.30
C GLN B 7 6.63 -0.14 -16.56
N GLY B 8 6.17 0.07 -15.33
CA GLY B 8 6.56 1.22 -14.53
C GLY B 8 7.52 0.86 -13.41
N GLY B 9 8.34 -0.16 -13.65
CA GLY B 9 9.44 -0.50 -12.74
C GLY B 9 8.94 -0.94 -11.37
N GLY B 10 7.72 -1.46 -11.32
CA GLY B 10 7.21 -2.12 -10.13
C GLY B 10 6.56 -1.15 -9.17
N ALA B 11 6.39 0.09 -9.60
CA ALA B 11 5.75 1.10 -8.79
C ALA B 11 4.28 0.78 -8.56
N LEU B 12 3.77 1.24 -7.41
CA LEU B 12 2.35 1.13 -7.11
C LEU B 12 1.67 2.47 -7.34
N CYS B 13 0.38 2.40 -7.65
CA CYS B 13 -0.44 3.60 -7.72
C CYS B 13 -0.79 4.06 -6.32
N PRO B 14 -1.04 5.36 -6.17
CA PRO B 14 -1.52 5.94 -4.92
C PRO B 14 -3.03 5.73 -4.70
N ASN B 15 -3.41 5.65 -3.43
CA ASN B 15 -4.82 5.68 -3.03
C ASN B 15 -5.58 4.50 -3.63
N ASN B 16 -4.90 3.37 -3.72
CA ASN B 16 -5.52 2.11 -4.16
C ASN B 16 -5.98 2.11 -5.61
N LYS B 17 -5.54 3.07 -6.39
CA LYS B 17 -5.77 3.02 -7.82
C LYS B 17 -5.21 1.73 -8.43
N CYS B 18 -5.98 1.15 -9.34
CA CYS B 18 -5.59 -0.08 -9.99
C CYS B 18 -4.54 0.18 -11.06
N CYS B 19 -3.58 -0.72 -11.16
CA CYS B 19 -2.62 -0.68 -12.24
C CYS B 19 -3.06 -1.58 -13.38
N SER B 20 -3.38 -0.97 -14.52
CA SER B 20 -3.90 -1.70 -15.66
C SER B 20 -2.84 -2.66 -16.20
N ARG B 21 -3.28 -3.55 -17.09
CA ARG B 21 -2.38 -4.49 -17.73
C ARG B 21 -1.33 -3.79 -18.60
N TYR B 22 -1.49 -2.48 -18.81
CA TYR B 22 -0.58 -1.70 -19.65
C TYR B 22 0.31 -0.76 -18.84
N GLY B 23 0.13 -0.73 -17.53
CA GLY B 23 1.02 0.01 -16.65
C GLY B 23 0.58 1.44 -16.38
N TYR B 24 -0.72 1.66 -16.31
CA TYR B 24 -1.28 2.96 -15.99
C TYR B 24 -2.28 2.87 -14.84
N CYS B 25 -2.43 3.97 -14.10
CA CYS B 25 -3.24 3.99 -12.89
C CYS B 25 -4.67 4.45 -13.19
N GLY B 26 -5.65 3.81 -12.58
CA GLY B 26 -7.03 4.26 -12.68
C GLY B 26 -8.02 3.38 -11.94
N PHE B 27 -9.30 3.62 -12.18
CA PHE B 27 -10.36 2.73 -11.69
C PHE B 27 -11.29 2.35 -12.83
N GLY B 28 -12.17 1.40 -12.54
CA GLY B 28 -13.09 0.88 -13.55
C GLY B 28 -12.50 -0.33 -14.25
N PRO B 29 -13.30 -0.98 -15.10
CA PRO B 29 -12.92 -2.31 -15.56
C PRO B 29 -11.62 -2.33 -16.35
N ALA B 30 -11.33 -1.24 -17.06
CA ALA B 30 -10.14 -1.20 -17.91
C ALA B 30 -8.86 -1.29 -17.06
N TYR B 31 -8.96 -0.88 -15.80
CA TYR B 31 -7.79 -0.84 -14.91
C TYR B 31 -7.84 -1.95 -13.85
N CYS B 32 -9.02 -2.18 -13.30
CA CYS B 32 -9.15 -3.09 -12.15
C CYS B 32 -9.51 -4.50 -12.57
N GLY B 33 -9.93 -4.66 -13.82
CA GLY B 33 -10.36 -5.96 -14.34
C GLY B 33 -9.19 -6.82 -14.80
N THR B 34 -9.41 -7.58 -15.87
CA THR B 34 -8.44 -8.60 -16.27
C THR B 34 -7.08 -7.95 -16.58
N GLY B 35 -6.03 -8.53 -16.01
CA GLY B 35 -4.69 -8.01 -16.16
C GLY B 35 -4.28 -6.99 -15.11
N CYS B 36 -5.20 -6.62 -14.22
CA CYS B 36 -4.88 -5.68 -13.14
C CYS B 36 -3.66 -6.18 -12.38
N GLN B 37 -2.68 -5.30 -12.19
CA GLN B 37 -1.38 -5.71 -11.63
C GLN B 37 -1.29 -5.42 -10.12
N SER B 38 -2.04 -4.42 -9.68
CA SER B 38 -1.99 -3.99 -8.28
C SER B 38 -3.11 -2.99 -8.01
N GLY B 39 -3.22 -2.56 -6.76
CA GLY B 39 -4.30 -1.69 -6.35
C GLY B 39 -5.56 -2.49 -6.06
N GLY B 40 -6.71 -1.81 -6.10
CA GLY B 40 -7.99 -2.43 -5.77
C GLY B 40 -8.58 -3.22 -6.91
N CYS B 41 -7.86 -4.24 -7.36
CA CYS B 41 -8.31 -5.05 -8.48
C CYS B 41 -9.65 -5.69 -8.13
N CYS B 42 -10.49 -5.86 -9.14
CA CYS B 42 -11.71 -6.63 -9.00
C CYS B 42 -11.88 -7.59 -10.17
N PRO B 43 -11.85 -8.90 -9.89
CA PRO B 43 -11.66 -9.41 -8.54
C PRO B 43 -10.25 -9.16 -8.02
N GLY B 44 -10.07 -9.33 -6.71
CA GLY B 44 -8.76 -9.14 -6.11
C GLY B 44 -7.75 -10.13 -6.66
N LYS B 45 -6.49 -9.69 -6.74
CA LYS B 45 -5.44 -10.57 -7.20
C LYS B 45 -5.41 -11.84 -6.36
N ARG B 46 -4.88 -12.91 -6.94
CA ARG B 46 -4.68 -14.14 -6.20
C ARG B 46 -3.44 -14.00 -5.32
N CYS B 47 -3.46 -14.67 -4.17
CA CYS B 47 -2.43 -14.47 -3.16
C CYS B 47 -2.30 -15.71 -2.27
N GLY B 48 -1.19 -15.77 -1.54
CA GLY B 48 -1.02 -16.80 -0.51
C GLY B 48 -0.95 -18.19 -1.12
N ASP B 49 -1.65 -19.13 -0.49
CA ASP B 49 -1.57 -20.52 -0.91
C ASP B 49 -2.24 -20.74 -2.26
N GLN B 50 -2.85 -19.69 -2.81
CA GLN B 50 -3.45 -19.78 -4.15
C GLN B 50 -2.64 -19.00 -5.19
N ALA B 51 -1.42 -18.60 -4.83
CA ALA B 51 -0.53 -17.90 -5.76
C ALA B 51 0.94 -18.12 -5.40
N ASN B 52 1.27 -19.35 -5.01
CA ASN B 52 2.65 -19.75 -4.81
C ASN B 52 3.33 -18.86 -3.76
N GLY B 53 2.55 -18.42 -2.77
CA GLY B 53 3.11 -17.72 -1.62
C GLY B 53 3.18 -16.21 -1.82
N GLU B 54 2.73 -15.73 -2.98
CA GLU B 54 2.80 -14.32 -3.30
C GLU B 54 1.89 -13.50 -2.39
N THR B 55 2.40 -12.37 -1.92
CA THR B 55 1.60 -11.49 -1.07
C THR B 55 0.92 -10.41 -1.90
N CYS B 56 -0.14 -9.84 -1.32
CA CYS B 56 -0.93 -8.83 -2.03
C CYS B 56 -0.11 -7.55 -2.14
N PRO B 57 -0.12 -6.93 -3.32
CA PRO B 57 0.40 -5.57 -3.46
C PRO B 57 -0.38 -4.58 -2.61
N ASN B 58 0.27 -3.46 -2.28
CA ASN B 58 -0.37 -2.32 -1.61
C ASN B 58 -0.83 -2.68 -0.18
N ASN B 59 -0.22 -3.71 0.40
CA ASN B 59 -0.59 -4.16 1.75
C ASN B 59 -2.09 -4.48 1.88
N LEU B 60 -2.67 -5.06 0.83
CA LEU B 60 -3.98 -5.68 0.97
C LEU B 60 -3.91 -7.00 1.72
N CYS B 61 -5.03 -7.36 2.34
CA CYS B 61 -5.12 -8.61 3.07
C CYS B 61 -5.42 -9.76 2.13
N CYS B 62 -4.78 -10.90 2.38
CA CYS B 62 -5.05 -12.11 1.64
C CYS B 62 -6.07 -12.98 2.37
N SER B 63 -7.24 -13.16 1.77
CA SER B 63 -8.31 -13.92 2.39
C SER B 63 -7.98 -15.41 2.42
N GLU B 64 -8.75 -16.17 3.19
CA GLU B 64 -8.50 -17.60 3.30
C GLU B 64 -8.70 -18.30 1.95
N ASP B 65 -9.46 -17.66 1.07
CA ASP B 65 -9.72 -18.19 -0.27
C ASP B 65 -8.66 -17.74 -1.29
N GLY B 66 -7.74 -16.89 -0.85
CA GLY B 66 -6.60 -16.49 -1.68
C GLY B 66 -6.90 -15.34 -2.61
N TYR B 67 -7.65 -14.36 -2.12
CA TYR B 67 -7.94 -13.16 -2.88
C TYR B 67 -7.52 -11.95 -2.07
N CYS B 68 -7.16 -10.88 -2.77
CA CYS B 68 -6.65 -9.68 -2.12
C CYS B 68 -7.79 -8.70 -1.90
N GLY B 69 -7.89 -8.15 -0.69
CA GLY B 69 -8.92 -7.18 -0.38
C GLY B 69 -8.78 -6.59 1.01
N PHE B 70 -9.77 -5.79 1.39
CA PHE B 70 -9.87 -5.27 2.76
C PHE B 70 -11.26 -5.57 3.33
N GLY B 71 -11.38 -5.44 4.65
CA GLY B 71 -12.62 -5.77 5.35
C GLY B 71 -12.51 -7.11 6.05
N SER B 72 -13.55 -7.45 6.82
CA SER B 72 -13.48 -8.59 7.74
C SER B 72 -13.31 -9.90 6.99
N GLU B 73 -13.81 -9.94 5.76
CA GLU B 73 -13.74 -11.15 4.94
C GLU B 73 -12.32 -11.43 4.46
N TYR B 74 -11.48 -10.40 4.49
CA TYR B 74 -10.12 -10.50 3.99
C TYR B 74 -9.11 -10.44 5.13
N CYS B 75 -9.29 -9.48 6.03
CA CYS B 75 -8.33 -9.24 7.12
C CYS B 75 -8.66 -10.02 8.40
N GLY B 76 -9.89 -10.51 8.50
CA GLY B 76 -10.37 -11.16 9.72
C GLY B 76 -10.05 -12.64 9.76
N ALA B 77 -11.05 -13.45 10.12
CA ALA B 77 -10.87 -14.89 10.22
C ALA B 77 -10.31 -15.44 8.93
N GLY B 78 -9.21 -16.20 9.04
CA GLY B 78 -8.67 -16.95 7.91
C GLY B 78 -7.65 -16.17 7.09
N CYS B 79 -7.46 -14.90 7.42
CA CYS B 79 -6.47 -14.05 6.73
C CYS B 79 -5.10 -14.72 6.74
N GLN B 80 -4.48 -14.82 5.57
CA GLN B 80 -3.18 -15.49 5.46
C GLN B 80 -2.06 -14.54 5.02
N GLY B 81 -2.33 -13.25 5.00
CA GLY B 81 -1.31 -12.29 4.62
C GLY B 81 -1.77 -10.84 4.68
N GLY B 82 -0.81 -9.93 4.66
CA GLY B 82 -1.09 -8.51 4.76
C GLY B 82 -1.43 -8.16 6.20
N PRO B 83 -2.14 -7.04 6.40
CA PRO B 83 -2.38 -6.54 7.74
C PRO B 83 -3.57 -7.26 8.38
N CYS B 84 -3.41 -8.56 8.60
CA CYS B 84 -4.43 -9.35 9.27
C CYS B 84 -4.71 -8.78 10.65
N ARG B 85 -5.94 -8.99 11.13
CA ARG B 85 -6.34 -8.46 12.43
C ARG B 85 -5.62 -9.14 13.58
N ALA B 86 -5.12 -10.34 13.34
CA ALA B 86 -4.39 -11.09 14.36
C ALA B 86 -2.95 -10.59 14.44
N ASP B 87 -2.38 -10.56 15.64
CA ASP B 87 -0.98 -10.23 15.80
C ASP B 87 -0.14 -11.25 15.06
N LYS B 88 0.99 -10.81 14.54
CA LYS B 88 1.92 -11.69 13.86
C LYS B 88 3.24 -11.77 14.61
N LEU B 89 3.62 -13.00 14.97
CA LEU B 89 4.85 -13.24 15.73
C LEU B 89 6.04 -13.43 14.79
N CYS B 90 7.24 -13.22 15.32
CA CYS B 90 8.46 -13.37 14.57
C CYS B 90 9.63 -13.56 15.53
N GLY B 91 10.82 -13.84 15.00
CA GLY B 91 12.01 -14.05 15.83
C GLY B 91 13.29 -14.31 15.06
N GLN B 97 12.82 -16.45 11.65
CA GLN B 97 11.42 -16.22 11.34
C GLN B 97 11.14 -14.76 10.98
N LEU B 98 11.49 -14.38 9.76
CA LEU B 98 11.34 -12.99 9.32
C LEU B 98 9.87 -12.64 9.18
N CYS B 99 9.59 -11.33 9.16
CA CYS B 99 8.26 -10.84 8.85
C CYS B 99 8.13 -10.71 7.33
N PRO B 100 6.92 -10.90 6.79
CA PRO B 100 6.70 -10.68 5.37
C PRO B 100 6.68 -9.20 4.99
N ASP B 101 6.95 -8.90 3.71
CA ASP B 101 6.74 -7.55 3.17
C ASP B 101 7.61 -6.52 3.91
N ASN B 102 8.82 -6.92 4.27
CA ASN B 102 9.79 -6.06 4.96
C ASN B 102 9.28 -5.44 6.26
N LEU B 103 8.26 -6.05 6.88
CA LEU B 103 7.81 -5.55 8.18
C LEU B 103 8.90 -5.79 9.21
N CYS B 104 8.99 -4.88 10.17
CA CYS B 104 9.98 -4.98 11.22
C CYS B 104 9.57 -6.01 12.25
N CYS B 105 10.53 -6.83 12.65
CA CYS B 105 10.35 -7.69 13.82
C CYS B 105 10.85 -6.97 15.07
N SER B 106 9.91 -6.61 15.94
CA SER B 106 10.25 -5.86 17.15
C SER B 106 11.11 -6.69 18.09
N GLN B 107 11.66 -6.04 19.10
CA GLN B 107 12.48 -6.76 20.08
C GLN B 107 11.64 -7.74 20.86
N TRP B 108 10.33 -7.57 20.83
CA TRP B 108 9.41 -8.44 21.54
C TRP B 108 8.90 -9.57 20.65
N GLY B 109 9.31 -9.57 19.39
CA GLY B 109 8.94 -10.63 18.46
C GLY B 109 7.55 -10.47 17.87
N PHE B 110 7.18 -9.23 17.55
CA PHE B 110 5.98 -8.98 16.75
C PHE B 110 6.32 -8.22 15.48
N CYS B 111 5.54 -8.46 14.43
CA CYS B 111 5.71 -7.79 13.13
C CYS B 111 4.89 -6.51 13.09
N GLY B 112 5.48 -5.47 12.52
CA GLY B 112 4.77 -4.22 12.27
C GLY B 112 5.66 -3.16 11.66
N LEU B 113 5.16 -1.92 11.61
CA LEU B 113 5.94 -0.78 11.17
C LEU B 113 5.69 0.39 12.10
N GLY B 114 6.58 1.38 12.05
CA GLY B 114 6.64 2.40 13.08
C GLY B 114 7.74 2.13 14.10
N VAL B 115 7.97 3.09 14.98
CA VAL B 115 9.15 3.07 15.85
C VAL B 115 9.09 1.94 16.86
N GLU B 116 7.88 1.59 17.28
CA GLU B 116 7.72 0.51 18.26
C GLU B 116 8.20 -0.83 17.71
N PHE B 117 8.20 -0.96 16.39
CA PHE B 117 8.67 -2.18 15.74
C PHE B 117 10.07 -2.00 15.15
N CYS B 118 10.28 -0.87 14.48
CA CYS B 118 11.47 -0.68 13.66
C CYS B 118 12.60 0.02 14.42
N GLY B 119 12.27 0.58 15.58
CA GLY B 119 13.22 1.38 16.36
C GLY B 119 14.15 0.52 17.20
N ASP B 120 14.40 0.96 18.44
CA ASP B 120 15.32 0.26 19.33
C ASP B 120 14.93 -1.21 19.47
N GLY B 121 15.90 -2.09 19.25
CA GLY B 121 15.69 -3.52 19.44
C GLY B 121 15.14 -4.25 18.22
N CYS B 122 14.89 -3.51 17.14
CA CYS B 122 14.40 -4.13 15.91
C CYS B 122 15.35 -5.23 15.48
N GLN B 123 14.81 -6.42 15.24
CA GLN B 123 15.63 -7.57 14.91
C GLN B 123 15.86 -7.71 13.40
N SER B 124 14.85 -7.39 12.62
CA SER B 124 14.89 -7.61 11.18
C SER B 124 13.78 -6.84 10.48
N GLY B 125 13.81 -6.89 9.15
CA GLY B 125 12.94 -6.04 8.34
C GLY B 125 13.49 -4.64 8.18
N ALA B 126 12.57 -3.69 8.03
CA ALA B 126 12.92 -2.31 7.72
C ALA B 126 13.27 -1.55 8.99
N CYS B 127 14.30 -2.03 9.69
CA CYS B 127 14.73 -1.39 10.93
C CYS B 127 15.20 0.04 10.66
N CYS B 128 14.92 0.95 11.60
CA CYS B 128 15.28 2.36 11.46
C CYS B 128 16.78 2.57 11.31
N SER B 129 17.55 1.92 12.18
CA SER B 129 18.98 2.18 12.25
C SER B 129 19.70 0.99 12.83
N MET B 130 19.71 -0.11 12.08
CA MET B 130 20.49 -1.28 12.42
C MET B 130 21.92 -1.15 11.89
N ARG B 131 22.89 -1.29 12.78
CA ARG B 131 24.28 -1.04 12.44
C ARG B 131 24.89 -2.30 11.84
N CYS B 132 25.90 -2.11 11.00
CA CYS B 132 26.51 -3.21 10.27
C CYS B 132 27.90 -2.80 9.83
N GLY B 133 28.64 -3.76 9.27
CA GLY B 133 29.93 -3.47 8.64
C GLY B 133 31.03 -3.18 9.66
N ARG B 134 32.05 -2.46 9.21
CA ARG B 134 33.20 -2.14 10.06
C ARG B 134 32.75 -1.44 11.34
N GLN B 135 31.77 -0.55 11.22
CA GLN B 135 31.30 0.25 12.35
C GLN B 135 30.60 -0.62 13.40
N ALA B 136 30.25 -1.85 13.03
CA ALA B 136 29.58 -2.76 13.95
C ALA B 136 30.35 -4.07 14.10
N ASP B 137 31.66 -3.99 13.94
CA ASP B 137 32.54 -5.15 14.13
C ASP B 137 32.18 -6.29 13.19
N GLY B 138 31.77 -5.93 11.97
CA GLY B 138 31.60 -6.92 10.91
C GLY B 138 30.23 -7.55 10.92
N ALA B 139 29.36 -7.04 11.78
CA ALA B 139 27.98 -7.51 11.83
C ALA B 139 27.30 -7.48 10.46
N LYS B 140 26.44 -8.46 10.26
CA LYS B 140 25.75 -8.64 8.98
C LYS B 140 24.36 -8.03 9.06
N CYS B 141 23.85 -7.61 7.91
CA CYS B 141 22.45 -7.22 7.81
C CYS B 141 21.56 -8.44 7.63
N THR B 142 20.31 -8.31 8.05
CA THR B 142 19.32 -9.34 7.79
C THR B 142 18.61 -9.06 6.46
N ASN B 143 17.75 -10.00 6.05
CA ASN B 143 16.83 -9.77 4.93
C ASN B 143 17.56 -9.62 3.61
N ASN B 144 18.83 -10.03 3.58
CA ASN B 144 19.68 -9.79 2.42
C ASN B 144 19.69 -8.30 2.05
N TYR B 145 19.68 -7.44 3.07
CA TYR B 145 19.90 -6.00 2.85
C TYR B 145 21.39 -5.71 2.61
N CYS B 146 21.67 -4.48 2.16
CA CYS B 146 23.04 -4.03 1.99
C CYS B 146 23.49 -3.21 3.19
N CYS B 147 24.76 -3.37 3.54
CA CYS B 147 25.39 -2.50 4.52
C CYS B 147 26.03 -1.32 3.83
N GLY B 148 25.54 -0.13 4.13
CA GLY B 148 26.09 1.11 3.55
C GLY B 148 27.47 1.45 4.05
N ALA B 149 28.08 2.45 3.43
CA ALA B 149 29.45 2.87 3.74
C ALA B 149 29.57 3.31 5.20
N SER B 150 28.53 3.94 5.74
CA SER B 150 28.61 4.49 7.09
C SER B 150 28.11 3.51 8.14
N GLY B 151 27.73 2.31 7.70
CA GLY B 151 27.49 1.21 8.64
C GLY B 151 26.05 1.11 9.10
N TYR B 152 25.13 1.36 8.17
CA TYR B 152 23.71 1.13 8.42
C TYR B 152 23.16 0.15 7.40
N CYS B 153 22.20 -0.65 7.83
CA CYS B 153 21.54 -1.59 6.95
C CYS B 153 20.42 -0.89 6.18
N GLY B 154 20.33 -1.19 4.88
CA GLY B 154 19.24 -0.69 4.07
C GLY B 154 19.25 -1.26 2.65
N LEU B 155 18.39 -0.70 1.82
CA LEU B 155 18.32 -1.06 0.41
C LEU B 155 18.24 0.21 -0.43
N GLY B 156 18.48 0.06 -1.73
CA GLY B 156 18.53 1.20 -2.63
C GLY B 156 19.95 1.65 -2.88
N GLY B 157 20.10 2.63 -3.78
CA GLY B 157 21.40 3.05 -4.27
C GLY B 157 22.32 3.58 -3.17
N ASP B 158 21.74 4.08 -2.09
CA ASP B 158 22.53 4.65 -1.00
C ASP B 158 23.26 3.58 -0.18
N TYR B 159 22.75 2.35 -0.21
CA TYR B 159 23.30 1.30 0.62
C TYR B 159 23.92 0.19 -0.20
N CYS B 160 23.34 -0.08 -1.36
CA CYS B 160 23.82 -1.18 -2.23
C CYS B 160 24.80 -0.64 -3.25
N GLY B 161 24.88 0.69 -3.36
CA GLY B 161 25.71 1.31 -4.37
C GLY B 161 27.12 1.51 -3.86
N ALA B 162 27.71 2.66 -4.22
CA ALA B 162 29.10 2.95 -3.88
C ALA B 162 29.30 2.83 -2.37
N GLY B 163 30.37 2.15 -1.97
CA GLY B 163 30.75 2.06 -0.57
C GLY B 163 30.08 0.91 0.16
N CYS B 164 29.17 0.22 -0.53
CA CYS B 164 28.47 -0.91 0.08
C CYS B 164 29.48 -1.91 0.64
N GLN B 165 29.26 -2.35 1.87
CA GLN B 165 30.24 -3.19 2.57
C GLN B 165 29.91 -4.68 2.44
N SER B 166 28.62 -5.01 2.50
CA SER B 166 28.21 -6.42 2.50
C SER B 166 26.78 -6.53 2.01
N GLY B 167 26.29 -7.75 1.85
CA GLY B 167 25.02 -7.96 1.19
C GLY B 167 25.16 -7.84 -0.33
N PRO B 168 24.03 -7.75 -1.03
CA PRO B 168 24.04 -7.77 -2.49
C PRO B 168 24.39 -6.41 -3.09
N CYS B 169 25.63 -5.97 -2.88
CA CYS B 169 26.13 -4.76 -3.52
C CYS B 169 26.18 -4.96 -5.04
N THR B 170 26.19 -3.86 -5.77
CA THR B 170 26.18 -3.93 -7.23
C THR B 170 27.59 -3.80 -7.83
C1 GOL C . -24.10 -1.51 9.84
O1 GOL C . -25.23 -2.40 9.90
C2 GOL C . -24.31 -0.45 8.76
O2 GOL C . -25.08 0.63 9.28
C3 GOL C . -22.95 0.05 8.26
O3 GOL C . -22.93 1.49 8.15
#